data_2CWB
#
_entry.id   2CWB
#
_entity_poly.entity_id   1
_entity_poly.type   'polypeptide(L)'
_entity_poly.pdbx_seq_one_letter_code
;MHHHHHHQYKLALNGKTLKGETTTEAVDAATAEKVFKQYANDNGVDGEWTYDDATKTFTVTEGSQWQPQLQQLRDMGIQD
DELSLRALQATGGDIQAALELIFAGGAP
;
_entity_poly.pdbx_strand_id   A
#
# COMPACT_ATOMS: atom_id res chain seq x y z
N GLY A 63 6.67 7.87 -5.21
CA GLY A 63 6.35 7.57 -3.79
C GLY A 63 7.61 7.46 -2.95
N SER A 64 7.81 8.43 -2.08
CA SER A 64 8.98 8.45 -1.21
C SER A 64 8.60 8.03 0.20
N GLN A 65 9.17 6.91 0.65
CA GLN A 65 8.87 6.32 1.97
C GLN A 65 7.47 5.71 2.00
N TRP A 66 6.70 6.00 0.94
CA TRP A 66 5.35 5.47 0.75
C TRP A 66 4.40 5.86 1.88
N GLN A 67 4.80 6.81 2.71
CA GLN A 67 3.99 7.22 3.85
C GLN A 67 2.79 8.08 3.44
N PRO A 68 2.91 8.99 2.44
CA PRO A 68 1.75 9.65 1.87
C PRO A 68 0.75 8.63 1.33
N GLN A 69 1.30 7.52 0.85
CA GLN A 69 0.52 6.39 0.36
C GLN A 69 -0.08 5.63 1.53
N LEU A 70 0.70 5.43 2.59
CA LEU A 70 0.16 4.86 3.82
C LEU A 70 -1.03 5.68 4.24
N GLN A 71 -0.85 6.98 4.25
CA GLN A 71 -1.88 7.91 4.66
C GLN A 71 -3.11 7.81 3.74
N GLN A 72 -2.88 7.35 2.51
CA GLN A 72 -3.95 7.15 1.56
C GLN A 72 -4.89 6.05 2.03
N LEU A 73 -4.32 5.08 2.73
CA LEU A 73 -5.10 3.98 3.27
C LEU A 73 -5.51 4.30 4.71
N ARG A 74 -4.66 4.99 5.43
CA ARG A 74 -4.97 5.48 6.77
C ARG A 74 -6.17 6.42 6.72
N ASP A 75 -6.37 7.00 5.54
CA ASP A 75 -7.56 7.82 5.27
C ASP A 75 -8.81 6.95 5.20
N MET A 76 -8.69 5.79 4.57
CA MET A 76 -9.82 4.89 4.38
C MET A 76 -10.11 4.11 5.66
N GLY A 77 -9.17 4.13 6.58
CA GLY A 77 -9.32 3.41 7.83
C GLY A 77 -8.55 2.11 7.82
N ILE A 78 -7.56 2.03 6.95
CA ILE A 78 -6.73 0.83 6.84
C ILE A 78 -5.58 0.91 7.83
N GLN A 79 -5.51 -0.06 8.73
CA GLN A 79 -4.48 -0.07 9.76
C GLN A 79 -3.30 -0.92 9.33
N ASP A 80 -3.46 -1.64 8.23
CA ASP A 80 -2.46 -2.57 7.77
C ASP A 80 -1.31 -1.86 7.04
N ASP A 81 -0.61 -1.01 7.79
CA ASP A 81 0.54 -0.27 7.28
C ASP A 81 1.66 -1.23 6.86
N GLU A 82 1.87 -2.26 7.67
CA GLU A 82 2.90 -3.26 7.41
C GLU A 82 2.62 -3.92 6.06
N LEU A 83 1.35 -4.24 5.88
CA LEU A 83 0.84 -4.77 4.64
C LEU A 83 1.04 -3.76 3.49
N SER A 84 0.50 -2.57 3.68
CA SER A 84 0.47 -1.54 2.64
C SER A 84 1.87 -1.22 2.12
N LEU A 85 2.80 -0.93 3.03
CA LEU A 85 4.16 -0.56 2.65
C LEU A 85 4.74 -1.59 1.68
N ARG A 86 4.39 -2.86 1.87
CA ARG A 86 4.92 -3.93 1.05
C ARG A 86 4.23 -3.97 -0.30
N ALA A 87 2.93 -3.74 -0.31
CA ALA A 87 2.18 -3.63 -1.55
C ALA A 87 2.66 -2.43 -2.35
N LEU A 88 3.10 -1.43 -1.62
CA LEU A 88 3.67 -0.22 -2.19
C LEU A 88 5.04 -0.50 -2.82
N GLN A 89 5.90 -1.19 -2.08
CA GLN A 89 7.20 -1.61 -2.60
C GLN A 89 7.03 -2.44 -3.86
N ALA A 90 6.04 -3.32 -3.85
CA ALA A 90 5.77 -4.21 -4.98
C ALA A 90 5.31 -3.45 -6.22
N THR A 91 4.56 -2.38 -6.01
CA THR A 91 4.02 -1.61 -7.12
C THR A 91 5.02 -0.54 -7.59
N GLY A 92 5.77 0.01 -6.64
CA GLY A 92 6.70 1.07 -6.97
C GLY A 92 6.31 2.38 -6.34
N GLY A 93 5.11 2.42 -5.78
CA GLY A 93 4.62 3.62 -5.15
C GLY A 93 3.25 4.02 -5.67
N ASP A 94 2.36 3.06 -5.83
CA ASP A 94 1.00 3.34 -6.25
C ASP A 94 0.02 2.66 -5.32
N ILE A 95 -1.03 3.39 -4.96
CA ILE A 95 -2.02 2.92 -4.02
C ILE A 95 -3.07 2.08 -4.72
N GLN A 96 -3.58 2.59 -5.82
CA GLN A 96 -4.60 1.91 -6.59
C GLN A 96 -4.11 0.54 -7.08
N ALA A 97 -2.83 0.46 -7.41
CA ALA A 97 -2.21 -0.80 -7.77
C ALA A 97 -1.91 -1.63 -6.52
N ALA A 98 -1.67 -0.96 -5.40
CA ALA A 98 -1.37 -1.64 -4.15
C ALA A 98 -2.55 -2.48 -3.68
N LEU A 99 -3.75 -1.90 -3.74
CA LEU A 99 -4.97 -2.63 -3.36
C LEU A 99 -5.18 -3.88 -4.20
N GLU A 100 -4.44 -3.99 -5.29
CA GLU A 100 -4.54 -5.14 -6.18
C GLU A 100 -3.50 -6.17 -5.79
N LEU A 101 -2.32 -5.66 -5.44
CA LEU A 101 -1.28 -6.49 -4.86
C LEU A 101 -1.75 -7.08 -3.54
N ILE A 102 -2.44 -6.26 -2.76
CA ILE A 102 -3.04 -6.69 -1.51
C ILE A 102 -4.17 -7.68 -1.78
N PHE A 103 -4.98 -7.35 -2.77
CA PHE A 103 -6.10 -8.20 -3.18
C PHE A 103 -5.62 -9.60 -3.53
N ALA A 104 -4.55 -9.70 -4.30
CA ALA A 104 -4.04 -10.97 -4.75
C ALA A 104 -3.23 -11.62 -3.64
N GLY A 105 -2.51 -10.78 -2.92
CA GLY A 105 -1.78 -11.21 -1.76
C GLY A 105 -0.30 -11.41 -2.04
N GLY A 106 0.10 -11.13 -3.27
CA GLY A 106 1.49 -11.31 -3.64
C GLY A 106 1.87 -10.49 -4.87
N ALA A 107 1.22 -10.80 -5.98
CA ALA A 107 1.48 -10.14 -7.25
C ALA A 107 0.47 -10.59 -8.29
N PRO A 108 0.12 -9.71 -9.25
CA PRO A 108 -0.81 -10.04 -10.33
C PRO A 108 -0.22 -11.10 -11.27
N GLY A 63 10.26 10.11 6.77
CA GLY A 63 10.08 8.66 7.04
C GLY A 63 10.36 7.80 5.82
N SER A 64 9.38 7.71 4.92
CA SER A 64 9.53 6.92 3.72
C SER A 64 8.82 7.58 2.56
N GLN A 65 8.95 7.00 1.37
CA GLN A 65 8.42 7.60 0.17
C GLN A 65 7.08 7.01 -0.15
N TRP A 66 6.60 6.18 0.76
CA TRP A 66 5.31 5.53 0.60
C TRP A 66 4.45 5.76 1.82
N GLN A 67 4.98 6.47 2.80
CA GLN A 67 4.22 6.74 4.02
C GLN A 67 3.05 7.68 3.75
N PRO A 68 3.23 8.76 2.96
CA PRO A 68 2.10 9.59 2.52
C PRO A 68 1.07 8.77 1.75
N GLN A 69 1.56 7.75 1.06
CA GLN A 69 0.71 6.79 0.37
C GLN A 69 -0.08 5.98 1.39
N LEU A 70 0.61 5.47 2.42
CA LEU A 70 -0.04 4.77 3.53
C LEU A 70 -1.18 5.63 4.08
N GLN A 71 -0.91 6.93 4.19
CA GLN A 71 -1.85 7.87 4.76
C GLN A 71 -3.18 7.90 3.99
N GLN A 72 -3.14 7.53 2.71
CA GLN A 72 -4.35 7.46 1.92
C GLN A 72 -5.22 6.32 2.42
N LEU A 73 -4.61 5.17 2.64
CA LEU A 73 -5.33 3.99 3.08
C LEU A 73 -5.70 4.11 4.54
N ARG A 74 -4.79 4.65 5.34
CA ARG A 74 -5.07 4.86 6.75
C ARG A 74 -6.23 5.82 6.93
N ASP A 75 -6.41 6.69 5.95
CA ASP A 75 -7.51 7.65 5.95
C ASP A 75 -8.81 6.98 5.54
N MET A 76 -8.72 5.92 4.73
CA MET A 76 -9.90 5.21 4.28
C MET A 76 -10.28 4.15 5.29
N GLY A 77 -9.43 3.97 6.30
CA GLY A 77 -9.74 3.08 7.39
C GLY A 77 -8.82 1.87 7.46
N ILE A 78 -7.70 1.91 6.76
CA ILE A 78 -6.77 0.78 6.76
C ILE A 78 -5.70 0.97 7.83
N GLN A 79 -5.60 0.01 8.73
CA GLN A 79 -4.58 0.07 9.77
C GLN A 79 -3.33 -0.70 9.34
N ASP A 80 -3.51 -1.57 8.35
CA ASP A 80 -2.43 -2.42 7.86
C ASP A 80 -1.43 -1.62 7.03
N ASP A 81 -0.60 -0.85 7.71
CA ASP A 81 0.39 0.00 7.06
C ASP A 81 1.60 -0.81 6.62
N GLU A 82 1.89 -1.86 7.38
CA GLU A 82 2.96 -2.80 7.01
C GLU A 82 2.59 -3.46 5.68
N LEU A 83 1.38 -3.98 5.66
CA LEU A 83 0.77 -4.55 4.46
C LEU A 83 0.87 -3.57 3.29
N SER A 84 0.42 -2.35 3.50
CA SER A 84 0.37 -1.36 2.43
C SER A 84 1.77 -1.00 1.94
N LEU A 85 2.68 -0.73 2.87
CA LEU A 85 4.06 -0.36 2.52
C LEU A 85 4.66 -1.41 1.60
N ARG A 86 4.35 -2.68 1.86
CA ARG A 86 4.89 -3.79 1.07
C ARG A 86 4.27 -3.81 -0.32
N ALA A 87 2.96 -3.60 -0.38
CA ALA A 87 2.25 -3.52 -1.64
C ALA A 87 2.75 -2.33 -2.45
N LEU A 88 3.12 -1.27 -1.74
CA LEU A 88 3.68 -0.08 -2.33
C LEU A 88 5.04 -0.35 -2.96
N GLN A 89 5.93 -0.96 -2.20
CA GLN A 89 7.26 -1.31 -2.70
C GLN A 89 7.16 -2.20 -3.94
N ALA A 90 6.27 -3.17 -3.90
CA ALA A 90 6.12 -4.14 -4.98
C ALA A 90 5.59 -3.48 -6.25
N THR A 91 4.79 -2.44 -6.10
CA THR A 91 4.26 -1.72 -7.25
C THR A 91 5.23 -0.65 -7.70
N GLY A 92 5.91 -0.05 -6.75
CA GLY A 92 6.82 1.03 -7.06
C GLY A 92 6.37 2.33 -6.41
N GLY A 93 5.19 2.29 -5.82
CA GLY A 93 4.64 3.48 -5.23
C GLY A 93 3.28 3.83 -5.79
N ASP A 94 2.44 2.82 -5.99
CA ASP A 94 1.11 3.04 -6.54
C ASP A 94 0.06 2.43 -5.62
N ILE A 95 -0.77 3.29 -5.06
CA ILE A 95 -1.82 2.89 -4.14
C ILE A 95 -2.86 2.01 -4.81
N GLN A 96 -3.38 2.47 -5.92
CA GLN A 96 -4.42 1.75 -6.65
C GLN A 96 -3.97 0.35 -7.07
N ALA A 97 -2.72 0.22 -7.49
CA ALA A 97 -2.15 -1.09 -7.84
C ALA A 97 -1.87 -1.91 -6.59
N ALA A 98 -1.55 -1.22 -5.51
CA ALA A 98 -1.30 -1.88 -4.24
C ALA A 98 -2.57 -2.50 -3.73
N LEU A 99 -3.70 -1.85 -4.01
CA LEU A 99 -5.01 -2.36 -3.61
C LEU A 99 -5.25 -3.74 -4.18
N GLU A 100 -4.57 -4.04 -5.26
CA GLU A 100 -4.75 -5.30 -5.97
C GLU A 100 -3.82 -6.34 -5.38
N LEU A 101 -2.60 -5.91 -5.08
CA LEU A 101 -1.64 -6.73 -4.37
C LEU A 101 -2.18 -7.06 -2.98
N ILE A 102 -2.84 -6.09 -2.35
CA ILE A 102 -3.46 -6.28 -1.06
C ILE A 102 -4.64 -7.22 -1.16
N PHE A 103 -5.51 -6.93 -2.12
CA PHE A 103 -6.69 -7.75 -2.40
C PHE A 103 -6.32 -9.21 -2.63
N ALA A 104 -5.22 -9.45 -3.34
CA ALA A 104 -4.80 -10.80 -3.66
C ALA A 104 -4.05 -11.40 -2.49
N GLY A 105 -3.32 -10.53 -1.80
CA GLY A 105 -2.60 -10.94 -0.62
C GLY A 105 -1.17 -11.30 -0.90
N GLY A 106 -0.83 -11.35 -2.18
CA GLY A 106 0.51 -11.70 -2.59
C GLY A 106 1.40 -10.48 -2.75
N ALA A 107 1.99 -10.03 -1.64
CA ALA A 107 2.89 -8.90 -1.67
C ALA A 107 4.35 -9.37 -1.58
N PRO A 108 5.08 -9.34 -2.70
CA PRO A 108 6.47 -9.78 -2.74
C PRO A 108 7.42 -8.77 -2.11
N GLY A 63 10.44 9.82 7.81
CA GLY A 63 10.02 9.99 6.40
C GLY A 63 10.07 8.69 5.63
N SER A 64 9.30 8.61 4.57
CA SER A 64 9.22 7.41 3.76
C SER A 64 8.62 7.73 2.40
N GLN A 65 8.93 6.90 1.41
CA GLN A 65 8.56 7.16 0.03
C GLN A 65 7.12 6.74 -0.18
N TRP A 66 6.62 5.97 0.77
CA TRP A 66 5.29 5.42 0.68
C TRP A 66 4.47 5.74 1.91
N GLN A 67 5.01 6.56 2.79
CA GLN A 67 4.33 6.89 4.02
C GLN A 67 3.08 7.75 3.76
N PRO A 68 3.14 8.78 2.88
CA PRO A 68 1.95 9.51 2.44
C PRO A 68 0.93 8.57 1.79
N GLN A 69 1.44 7.51 1.19
CA GLN A 69 0.61 6.49 0.57
C GLN A 69 -0.03 5.61 1.63
N LEU A 70 0.73 5.33 2.70
CA LEU A 70 0.14 4.67 3.88
C LEU A 70 -1.02 5.51 4.35
N GLN A 71 -0.78 6.82 4.45
CA GLN A 71 -1.78 7.77 4.89
C GLN A 71 -2.99 7.74 3.96
N GLN A 72 -2.75 7.43 2.69
CA GLN A 72 -3.82 7.35 1.69
C GLN A 72 -4.79 6.21 2.03
N LEU A 73 -4.23 5.10 2.50
CA LEU A 73 -5.03 3.93 2.83
C LEU A 73 -5.53 4.01 4.26
N ARG A 74 -4.67 4.50 5.15
CA ARG A 74 -5.04 4.68 6.55
C ARG A 74 -6.21 5.65 6.64
N ASP A 75 -6.27 6.54 5.66
CA ASP A 75 -7.37 7.49 5.53
C ASP A 75 -8.67 6.77 5.20
N MET A 76 -8.59 5.68 4.44
CA MET A 76 -9.78 4.98 3.98
C MET A 76 -10.18 3.91 4.98
N GLY A 77 -9.34 3.69 5.98
CA GLY A 77 -9.66 2.72 7.02
C GLY A 77 -8.68 1.57 7.07
N ILE A 78 -7.58 1.67 6.34
CA ILE A 78 -6.58 0.62 6.34
C ILE A 78 -5.56 0.86 7.45
N GLN A 79 -5.58 0.00 8.45
CA GLN A 79 -4.68 0.15 9.59
C GLN A 79 -3.33 -0.48 9.30
N ASP A 80 -3.34 -1.52 8.46
CA ASP A 80 -2.13 -2.28 8.16
C ASP A 80 -1.23 -1.50 7.21
N ASP A 81 -0.53 -0.50 7.74
CA ASP A 81 0.42 0.28 6.96
C ASP A 81 1.62 -0.58 6.58
N GLU A 82 1.84 -1.62 7.37
CA GLU A 82 2.87 -2.61 7.06
C GLU A 82 2.51 -3.31 5.75
N LEU A 83 1.32 -3.85 5.72
CA LEU A 83 0.74 -4.46 4.53
C LEU A 83 0.78 -3.46 3.36
N SER A 84 0.36 -2.23 3.62
CA SER A 84 0.32 -1.21 2.58
C SER A 84 1.72 -0.91 2.04
N LEU A 85 2.65 -0.61 2.93
CA LEU A 85 4.03 -0.29 2.56
C LEU A 85 4.59 -1.35 1.60
N ARG A 86 4.28 -2.60 1.90
CA ARG A 86 4.79 -3.72 1.12
C ARG A 86 4.11 -3.79 -0.24
N ALA A 87 2.80 -3.58 -0.24
CA ALA A 87 2.04 -3.52 -1.47
C ALA A 87 2.51 -2.35 -2.33
N LEU A 88 2.86 -1.27 -1.65
CA LEU A 88 3.40 -0.07 -2.29
C LEU A 88 4.75 -0.37 -2.93
N GLN A 89 5.65 -0.90 -2.14
CA GLN A 89 6.98 -1.27 -2.59
C GLN A 89 6.91 -2.19 -3.82
N ALA A 90 5.94 -3.09 -3.82
CA ALA A 90 5.79 -4.07 -4.89
C ALA A 90 5.19 -3.44 -6.16
N THR A 91 4.65 -2.23 -6.02
CA THR A 91 4.04 -1.54 -7.15
C THR A 91 4.83 -0.29 -7.53
N GLY A 92 5.96 -0.10 -6.86
CA GLY A 92 6.79 1.06 -7.13
C GLY A 92 6.22 2.33 -6.52
N GLY A 93 5.16 2.18 -5.74
CA GLY A 93 4.55 3.33 -5.11
C GLY A 93 3.26 3.74 -5.80
N ASP A 94 2.36 2.79 -5.98
CA ASP A 94 1.06 3.08 -6.56
C ASP A 94 -0.02 2.53 -5.66
N ILE A 95 -0.90 3.42 -5.21
CA ILE A 95 -1.93 3.09 -4.24
C ILE A 95 -2.99 2.15 -4.83
N GLN A 96 -3.54 2.54 -5.96
CA GLN A 96 -4.58 1.73 -6.61
C GLN A 96 -4.07 0.34 -6.98
N ALA A 97 -2.84 0.27 -7.49
CA ALA A 97 -2.24 -1.02 -7.81
C ALA A 97 -1.89 -1.79 -6.54
N ALA A 98 -1.62 -1.05 -5.47
CA ALA A 98 -1.31 -1.66 -4.20
C ALA A 98 -2.53 -2.38 -3.65
N LEU A 99 -3.70 -1.81 -3.92
CA LEU A 99 -4.96 -2.39 -3.47
C LEU A 99 -5.16 -3.77 -4.07
N GLU A 100 -4.46 -4.02 -5.16
CA GLU A 100 -4.58 -5.26 -5.90
C GLU A 100 -3.58 -6.26 -5.35
N LEU A 101 -2.37 -5.77 -5.10
CA LEU A 101 -1.35 -6.56 -4.41
C LEU A 101 -1.85 -6.96 -3.03
N ILE A 102 -2.58 -6.05 -2.39
CA ILE A 102 -3.18 -6.32 -1.09
C ILE A 102 -4.25 -7.39 -1.21
N PHE A 103 -5.22 -7.12 -2.06
CA PHE A 103 -6.40 -7.99 -2.19
C PHE A 103 -6.04 -9.39 -2.71
N ALA A 104 -4.87 -9.52 -3.35
CA ALA A 104 -4.47 -10.81 -3.89
C ALA A 104 -3.45 -11.48 -2.97
N GLY A 105 -3.13 -10.79 -1.88
CA GLY A 105 -2.16 -11.29 -0.92
C GLY A 105 -0.79 -11.44 -1.53
N GLY A 106 -0.41 -10.48 -2.36
CA GLY A 106 0.84 -10.55 -3.07
C GLY A 106 0.64 -10.61 -4.56
N ALA A 107 1.64 -11.09 -5.29
CA ALA A 107 1.56 -11.16 -6.73
C ALA A 107 0.86 -12.45 -7.16
N PRO A 108 -0.10 -12.34 -8.09
CA PRO A 108 -0.81 -13.48 -8.65
C PRO A 108 0.13 -14.52 -9.24
N GLY A 63 8.99 12.96 4.23
CA GLY A 63 9.43 11.82 5.06
C GLY A 63 9.69 10.57 4.24
N SER A 64 8.89 9.54 4.45
CA SER A 64 9.03 8.33 3.67
C SER A 64 8.31 8.49 2.34
N GLN A 65 8.66 7.67 1.36
CA GLN A 65 8.04 7.78 0.04
C GLN A 65 6.59 7.39 0.14
N TRP A 66 6.38 6.22 0.73
CA TRP A 66 5.08 5.58 0.73
C TRP A 66 4.27 5.97 1.94
N GLN A 67 4.84 6.79 2.79
CA GLN A 67 4.14 7.20 4.00
C GLN A 67 2.90 8.06 3.67
N PRO A 68 2.99 9.01 2.71
CA PRO A 68 1.81 9.71 2.19
C PRO A 68 0.82 8.74 1.56
N GLN A 69 1.35 7.64 1.02
CA GLN A 69 0.52 6.58 0.47
C GLN A 69 -0.17 5.81 1.58
N LEU A 70 0.60 5.45 2.61
CA LEU A 70 0.02 4.86 3.84
C LEU A 70 -1.15 5.71 4.28
N GLN A 71 -0.91 7.02 4.35
CA GLN A 71 -1.89 8.00 4.78
C GLN A 71 -3.20 7.88 4.00
N GLN A 72 -3.11 7.41 2.77
CA GLN A 72 -4.26 7.27 1.91
C GLN A 72 -5.12 6.10 2.38
N LEU A 73 -4.47 4.99 2.66
CA LEU A 73 -5.16 3.79 3.10
C LEU A 73 -5.61 3.97 4.53
N ARG A 74 -4.74 4.54 5.36
CA ARG A 74 -5.07 4.84 6.75
C ARG A 74 -6.30 5.73 6.81
N ASP A 75 -6.40 6.63 5.84
CA ASP A 75 -7.56 7.51 5.71
C ASP A 75 -8.81 6.73 5.33
N MET A 76 -8.63 5.67 4.54
CA MET A 76 -9.77 4.89 4.07
C MET A 76 -10.09 3.77 5.04
N GLY A 77 -9.38 3.74 6.16
CA GLY A 77 -9.70 2.80 7.21
C GLY A 77 -8.69 1.66 7.32
N ILE A 78 -7.67 1.70 6.48
CA ILE A 78 -6.69 0.62 6.42
C ILE A 78 -5.48 0.98 7.26
N GLN A 79 -5.38 0.41 8.45
CA GLN A 79 -4.27 0.70 9.34
C GLN A 79 -3.18 -0.35 9.20
N ASP A 80 -3.22 -1.09 8.10
CA ASP A 80 -2.22 -2.11 7.85
C ASP A 80 -1.04 -1.49 7.11
N ASP A 81 -0.33 -0.60 7.81
CA ASP A 81 0.83 0.10 7.25
C ASP A 81 1.87 -0.90 6.75
N GLU A 82 2.09 -1.95 7.54
CA GLU A 82 3.03 -3.01 7.15
C GLU A 82 2.62 -3.60 5.81
N LEU A 83 1.39 -4.07 5.78
CA LEU A 83 0.76 -4.61 4.57
C LEU A 83 0.91 -3.64 3.40
N SER A 84 0.54 -2.38 3.63
CA SER A 84 0.55 -1.37 2.60
C SER A 84 1.96 -1.13 2.07
N LEU A 85 2.90 -0.92 2.98
CA LEU A 85 4.29 -0.64 2.62
C LEU A 85 4.83 -1.74 1.70
N ARG A 86 4.42 -2.97 1.96
CA ARG A 86 4.87 -4.12 1.18
C ARG A 86 4.28 -4.03 -0.22
N ALA A 87 2.97 -3.81 -0.29
CA ALA A 87 2.25 -3.65 -1.54
C ALA A 87 2.82 -2.48 -2.33
N LEU A 88 3.14 -1.42 -1.62
CA LEU A 88 3.68 -0.20 -2.21
C LEU A 88 5.02 -0.45 -2.90
N GLN A 89 5.95 -1.08 -2.17
CA GLN A 89 7.26 -1.42 -2.73
C GLN A 89 7.13 -2.32 -3.95
N ALA A 90 6.13 -3.19 -3.92
CA ALA A 90 5.89 -4.12 -5.02
C ALA A 90 5.39 -3.40 -6.27
N THR A 91 4.53 -2.41 -6.08
CA THR A 91 3.95 -1.68 -7.20
C THR A 91 4.84 -0.52 -7.62
N GLY A 92 5.82 -0.21 -6.79
CA GLY A 92 6.73 0.88 -7.10
C GLY A 92 6.20 2.21 -6.64
N GLY A 93 5.37 2.18 -5.61
CA GLY A 93 4.80 3.39 -5.08
C GLY A 93 3.50 3.77 -5.76
N ASP A 94 2.58 2.82 -5.83
CA ASP A 94 1.26 3.08 -6.38
C ASP A 94 0.20 2.47 -5.48
N ILE A 95 -0.73 3.31 -5.05
CA ILE A 95 -1.79 2.92 -4.13
C ILE A 95 -2.83 2.05 -4.83
N GLN A 96 -3.36 2.55 -5.92
CA GLN A 96 -4.43 1.86 -6.63
C GLN A 96 -4.00 0.48 -7.09
N ALA A 97 -2.73 0.36 -7.46
CA ALA A 97 -2.16 -0.92 -7.84
C ALA A 97 -1.92 -1.79 -6.60
N ALA A 98 -1.62 -1.14 -5.48
CA ALA A 98 -1.35 -1.84 -4.25
C ALA A 98 -2.62 -2.42 -3.69
N LEU A 99 -3.73 -1.72 -3.92
CA LEU A 99 -5.05 -2.19 -3.48
C LEU A 99 -5.38 -3.52 -4.13
N GLU A 100 -4.67 -3.82 -5.21
CA GLU A 100 -4.87 -5.03 -5.97
C GLU A 100 -3.89 -6.08 -5.49
N LEU A 101 -2.68 -5.63 -5.19
CA LEU A 101 -1.66 -6.45 -4.57
C LEU A 101 -2.17 -6.97 -3.23
N ILE A 102 -2.75 -6.05 -2.47
CA ILE A 102 -3.33 -6.37 -1.17
C ILE A 102 -4.52 -7.32 -1.35
N PHE A 103 -5.37 -6.99 -2.31
CA PHE A 103 -6.54 -7.81 -2.61
C PHE A 103 -6.14 -9.25 -2.94
N ALA A 104 -5.43 -9.43 -4.05
CA ALA A 104 -5.08 -10.77 -4.50
C ALA A 104 -3.85 -10.74 -5.41
N GLY A 105 -2.89 -9.90 -5.07
CA GLY A 105 -1.66 -9.85 -5.84
C GLY A 105 -0.63 -10.81 -5.30
N GLY A 106 -0.76 -11.16 -4.03
CA GLY A 106 0.19 -12.04 -3.39
C GLY A 106 1.56 -11.40 -3.28
N ALA A 107 2.47 -11.83 -4.14
CA ALA A 107 3.81 -11.27 -4.18
C ALA A 107 4.39 -11.37 -5.58
N PRO A 108 4.81 -10.24 -6.16
CA PRO A 108 5.45 -10.20 -7.47
C PRO A 108 6.90 -10.63 -7.39
N GLY A 63 9.57 12.81 4.28
CA GLY A 63 10.65 11.85 4.59
C GLY A 63 10.45 10.51 3.89
N SER A 64 9.64 9.66 4.48
CA SER A 64 9.37 8.35 3.90
C SER A 64 8.37 8.49 2.76
N GLN A 65 8.67 7.88 1.63
CA GLN A 65 7.94 8.15 0.39
C GLN A 65 6.59 7.47 0.39
N TRP A 66 6.53 6.28 0.96
CA TRP A 66 5.29 5.53 0.95
C TRP A 66 4.45 5.84 2.16
N GLN A 67 4.97 6.68 3.05
CA GLN A 67 4.21 7.04 4.24
C GLN A 67 3.02 7.94 3.90
N PRO A 68 3.20 8.96 3.01
CA PRO A 68 2.07 9.74 2.49
C PRO A 68 1.11 8.85 1.70
N GLN A 69 1.66 7.76 1.15
CA GLN A 69 0.86 6.74 0.50
C GLN A 69 0.06 5.96 1.54
N LEU A 70 0.72 5.56 2.62
CA LEU A 70 0.03 4.93 3.76
C LEU A 70 -1.17 5.76 4.16
N GLN A 71 -0.96 7.07 4.22
CA GLN A 71 -1.98 8.01 4.66
C GLN A 71 -3.26 7.88 3.83
N GLN A 72 -3.11 7.55 2.56
CA GLN A 72 -4.25 7.38 1.68
C GLN A 72 -5.07 6.16 2.07
N LEU A 73 -4.38 5.14 2.56
CA LEU A 73 -5.05 3.93 3.02
C LEU A 73 -5.56 4.12 4.43
N ARG A 74 -4.81 4.89 5.21
CA ARG A 74 -5.23 5.28 6.55
C ARG A 74 -6.50 6.13 6.45
N ASP A 75 -6.64 6.79 5.31
CA ASP A 75 -7.85 7.54 4.97
C ASP A 75 -9.02 6.59 4.70
N MET A 76 -8.72 5.46 4.07
CA MET A 76 -9.74 4.47 3.73
C MET A 76 -10.10 3.64 4.96
N GLY A 77 -9.28 3.76 5.99
CA GLY A 77 -9.51 3.00 7.20
C GLY A 77 -8.72 1.70 7.22
N ILE A 78 -7.53 1.74 6.62
CA ILE A 78 -6.66 0.57 6.57
C ILE A 78 -5.61 0.67 7.67
N GLN A 79 -5.64 -0.30 8.58
CA GLN A 79 -4.68 -0.33 9.70
C GLN A 79 -3.34 -0.89 9.26
N ASP A 80 -3.39 -1.79 8.29
CA ASP A 80 -2.22 -2.55 7.90
C ASP A 80 -1.30 -1.73 6.99
N ASP A 81 -0.60 -0.78 7.59
CA ASP A 81 0.35 0.05 6.87
C ASP A 81 1.64 -0.72 6.61
N GLU A 82 1.93 -1.69 7.50
CA GLU A 82 3.07 -2.57 7.31
C GLU A 82 2.84 -3.41 6.05
N LEU A 83 1.65 -3.98 5.97
CA LEU A 83 1.16 -4.67 4.78
C LEU A 83 1.24 -3.73 3.57
N SER A 84 0.67 -2.54 3.72
CA SER A 84 0.60 -1.57 2.64
C SER A 84 1.99 -1.23 2.10
N LEU A 85 2.93 -0.98 3.00
CA LEU A 85 4.30 -0.63 2.64
C LEU A 85 4.88 -1.68 1.67
N ARG A 86 4.47 -2.93 1.85
CA ARG A 86 4.94 -4.03 1.01
C ARG A 86 4.28 -3.97 -0.37
N ALA A 87 2.97 -3.75 -0.38
CA ALA A 87 2.22 -3.62 -1.61
C ALA A 87 2.70 -2.40 -2.39
N LEU A 88 3.07 -1.36 -1.65
CA LEU A 88 3.59 -0.12 -2.24
C LEU A 88 4.88 -0.38 -3.00
N GLN A 89 5.85 -1.00 -2.33
CA GLN A 89 7.14 -1.32 -2.93
C GLN A 89 6.99 -2.20 -4.17
N ALA A 90 6.08 -3.18 -4.08
CA ALA A 90 5.88 -4.13 -5.16
C ALA A 90 5.19 -3.49 -6.37
N THR A 91 4.63 -2.31 -6.18
CA THR A 91 3.94 -1.61 -7.26
C THR A 91 4.69 -0.34 -7.66
N GLY A 92 5.85 -0.11 -7.05
CA GLY A 92 6.63 1.07 -7.36
C GLY A 92 6.05 2.33 -6.77
N GLY A 93 5.28 2.18 -5.70
CA GLY A 93 4.68 3.33 -5.05
C GLY A 93 3.36 3.72 -5.68
N ASP A 94 2.52 2.74 -5.94
CA ASP A 94 1.22 2.99 -6.55
C ASP A 94 0.13 2.44 -5.63
N ILE A 95 -0.59 3.36 -5.00
CA ILE A 95 -1.62 3.02 -4.04
C ILE A 95 -2.72 2.15 -4.64
N GLN A 96 -3.31 2.62 -5.73
CA GLN A 96 -4.39 1.89 -6.38
C GLN A 96 -3.97 0.49 -6.81
N ALA A 97 -2.75 0.36 -7.31
CA ALA A 97 -2.23 -0.95 -7.69
C ALA A 97 -1.95 -1.80 -6.44
N ALA A 98 -1.58 -1.12 -5.36
CA ALA A 98 -1.32 -1.81 -4.10
C ALA A 98 -2.59 -2.41 -3.52
N LEU A 99 -3.72 -1.71 -3.65
CA LEU A 99 -5.02 -2.24 -3.22
C LEU A 99 -5.35 -3.56 -3.92
N GLU A 100 -4.72 -3.79 -5.05
CA GLU A 100 -4.98 -4.98 -5.84
C GLU A 100 -4.03 -6.06 -5.38
N LEU A 101 -2.84 -5.63 -5.00
CA LEU A 101 -1.85 -6.50 -4.39
C LEU A 101 -2.39 -6.99 -3.04
N ILE A 102 -2.91 -6.05 -2.27
CA ILE A 102 -3.39 -6.34 -0.93
C ILE A 102 -4.59 -7.29 -0.97
N PHE A 103 -5.63 -6.88 -1.67
CA PHE A 103 -6.88 -7.63 -1.70
C PHE A 103 -6.75 -8.96 -2.44
N ALA A 104 -5.64 -9.17 -3.15
CA ALA A 104 -5.41 -10.45 -3.81
C ALA A 104 -4.44 -11.30 -2.99
N GLY A 105 -3.71 -10.65 -2.11
CA GLY A 105 -2.74 -11.33 -1.27
C GLY A 105 -1.46 -11.63 -2.03
N GLY A 106 -1.32 -11.02 -3.21
CA GLY A 106 -0.19 -11.26 -4.05
C GLY A 106 -0.34 -10.58 -5.39
N ALA A 107 0.52 -10.92 -6.33
CA ALA A 107 0.48 -10.34 -7.66
C ALA A 107 -0.79 -10.78 -8.39
N PRO A 108 -1.50 -9.83 -9.01
CA PRO A 108 -2.71 -10.13 -9.79
C PRO A 108 -2.45 -11.09 -10.93
N GLY A 63 6.62 10.57 -2.41
CA GLY A 63 6.64 9.70 -1.21
C GLY A 63 7.59 8.53 -1.37
N SER A 64 8.78 8.68 -0.82
CA SER A 64 9.85 7.72 -1.05
C SER A 64 9.79 6.57 -0.06
N GLN A 65 9.16 6.81 1.07
CA GLN A 65 9.01 5.80 2.10
C GLN A 65 7.55 5.39 2.13
N TRP A 66 6.86 5.83 1.09
CA TRP A 66 5.49 5.46 0.81
C TRP A 66 4.49 5.90 1.88
N GLN A 67 4.93 6.76 2.79
CA GLN A 67 4.05 7.24 3.86
C GLN A 67 2.88 8.09 3.35
N PRO A 68 3.10 9.00 2.37
CA PRO A 68 1.98 9.72 1.74
C PRO A 68 0.95 8.75 1.15
N GLN A 69 1.44 7.59 0.74
CA GLN A 69 0.58 6.54 0.23
C GLN A 69 -0.11 5.82 1.38
N LEU A 70 0.66 5.50 2.43
CA LEU A 70 0.09 4.93 3.66
C LEU A 70 -1.06 5.80 4.12
N GLN A 71 -0.83 7.10 4.06
CA GLN A 71 -1.79 8.10 4.51
C GLN A 71 -3.14 7.91 3.83
N GLN A 72 -3.12 7.51 2.55
CA GLN A 72 -4.34 7.32 1.80
C GLN A 72 -5.20 6.24 2.44
N LEU A 73 -4.56 5.14 2.81
CA LEU A 73 -5.28 4.01 3.37
C LEU A 73 -5.63 4.28 4.83
N ARG A 74 -4.70 4.89 5.55
CA ARG A 74 -4.94 5.29 6.93
C ARG A 74 -6.10 6.26 7.01
N ASP A 75 -6.22 7.10 5.98
CA ASP A 75 -7.35 8.02 5.84
C ASP A 75 -8.65 7.26 5.63
N MET A 76 -8.57 6.11 4.96
CA MET A 76 -9.74 5.28 4.69
C MET A 76 -10.06 4.41 5.89
N GLY A 77 -9.18 4.44 6.89
CA GLY A 77 -9.39 3.66 8.09
C GLY A 77 -8.64 2.34 8.05
N ILE A 78 -7.77 2.19 7.06
CA ILE A 78 -7.00 0.96 6.91
C ILE A 78 -5.82 0.98 7.86
N GLN A 79 -5.76 -0.02 8.72
CA GLN A 79 -4.74 -0.07 9.77
C GLN A 79 -3.57 -0.96 9.34
N ASP A 80 -3.69 -1.57 8.17
CA ASP A 80 -2.68 -2.51 7.69
C ASP A 80 -1.57 -1.78 6.93
N ASP A 81 -0.87 -0.89 7.65
CA ASP A 81 0.29 -0.19 7.12
C ASP A 81 1.39 -1.18 6.76
N GLU A 82 1.59 -2.15 7.65
CA GLU A 82 2.59 -3.20 7.47
C GLU A 82 2.39 -3.88 6.13
N LEU A 83 1.13 -4.19 5.89
CA LEU A 83 0.67 -4.78 4.64
C LEU A 83 0.94 -3.81 3.48
N SER A 84 0.39 -2.61 3.60
CA SER A 84 0.39 -1.63 2.52
C SER A 84 1.80 -1.31 2.03
N LEU A 85 2.71 -1.02 2.96
CA LEU A 85 4.08 -0.65 2.62
C LEU A 85 4.69 -1.68 1.67
N ARG A 86 4.33 -2.94 1.84
CA ARG A 86 4.90 -4.02 1.06
C ARG A 86 4.29 -4.05 -0.33
N ALA A 87 2.99 -3.79 -0.39
CA ALA A 87 2.28 -3.67 -1.65
C ALA A 87 2.79 -2.44 -2.41
N LEU A 88 3.13 -1.41 -1.66
CA LEU A 88 3.70 -0.20 -2.20
C LEU A 88 5.06 -0.46 -2.84
N GLN A 89 5.94 -1.12 -2.09
CA GLN A 89 7.25 -1.53 -2.59
C GLN A 89 7.13 -2.32 -3.88
N ALA A 90 6.12 -3.18 -3.97
CA ALA A 90 5.94 -4.04 -5.13
C ALA A 90 5.35 -3.30 -6.32
N THR A 91 4.74 -2.15 -6.07
CA THR A 91 4.17 -1.35 -7.15
C THR A 91 5.14 -0.27 -7.60
N GLY A 92 5.92 0.23 -6.65
CA GLY A 92 6.82 1.33 -6.93
C GLY A 92 6.30 2.62 -6.35
N GLY A 93 5.12 2.55 -5.75
CA GLY A 93 4.50 3.73 -5.17
C GLY A 93 3.13 4.01 -5.76
N ASP A 94 2.31 2.98 -5.86
CA ASP A 94 0.96 3.12 -6.39
C ASP A 94 -0.04 2.43 -5.48
N ILE A 95 -0.92 3.22 -4.90
CA ILE A 95 -1.92 2.72 -3.97
C ILE A 95 -2.95 1.83 -4.64
N GLN A 96 -3.55 2.34 -5.70
CA GLN A 96 -4.60 1.61 -6.41
C GLN A 96 -4.08 0.28 -6.96
N ALA A 97 -2.82 0.26 -7.39
CA ALA A 97 -2.20 -0.97 -7.84
C ALA A 97 -1.84 -1.86 -6.64
N ALA A 98 -1.54 -1.23 -5.52
CA ALA A 98 -1.21 -1.96 -4.31
C ALA A 98 -2.44 -2.68 -3.79
N LEU A 99 -3.60 -2.04 -3.96
CA LEU A 99 -4.88 -2.62 -3.55
C LEU A 99 -5.13 -3.94 -4.26
N GLU A 100 -4.43 -4.14 -5.36
CA GLU A 100 -4.59 -5.31 -6.18
C GLU A 100 -3.56 -6.35 -5.76
N LEU A 101 -2.35 -5.88 -5.49
CA LEU A 101 -1.29 -6.73 -4.98
C LEU A 101 -1.65 -7.23 -3.59
N ILE A 102 -2.37 -6.41 -2.84
CA ILE A 102 -2.90 -6.83 -1.55
C ILE A 102 -3.94 -7.92 -1.74
N PHE A 103 -4.91 -7.62 -2.59
CA PHE A 103 -6.03 -8.51 -2.84
C PHE A 103 -5.60 -9.86 -3.41
N ALA A 104 -5.07 -9.86 -4.63
CA ALA A 104 -4.77 -11.11 -5.32
C ALA A 104 -3.39 -11.12 -5.94
N GLY A 105 -2.70 -10.00 -5.88
CA GLY A 105 -1.37 -9.90 -6.46
C GLY A 105 -0.32 -10.61 -5.63
N GLY A 106 -0.63 -10.83 -4.35
CA GLY A 106 0.30 -11.52 -3.47
C GLY A 106 1.35 -10.58 -2.89
N ALA A 107 1.85 -9.69 -3.73
CA ALA A 107 2.90 -8.75 -3.35
C ALA A 107 4.15 -9.48 -2.89
N PRO A 108 4.87 -10.13 -3.82
CA PRO A 108 6.03 -10.93 -3.51
C PRO A 108 7.32 -10.10 -3.51
N GLY A 63 5.77 9.07 -4.03
CA GLY A 63 6.10 8.84 -2.61
C GLY A 63 7.52 8.32 -2.43
N SER A 64 8.20 8.79 -1.40
CA SER A 64 9.58 8.40 -1.15
C SER A 64 9.64 7.13 -0.31
N GLN A 65 8.90 7.13 0.79
CA GLN A 65 8.90 5.99 1.71
C GLN A 65 7.49 5.47 1.88
N TRP A 66 6.66 5.86 0.92
CA TRP A 66 5.29 5.36 0.79
C TRP A 66 4.36 5.80 1.94
N GLN A 67 4.85 6.65 2.81
CA GLN A 67 4.03 7.16 3.90
C GLN A 67 2.93 8.11 3.41
N PRO A 68 3.19 9.00 2.43
CA PRO A 68 2.12 9.75 1.77
C PRO A 68 1.05 8.82 1.21
N GLN A 69 1.50 7.68 0.72
CA GLN A 69 0.60 6.63 0.25
C GLN A 69 -0.15 6.02 1.43
N LEU A 70 0.56 5.72 2.51
CA LEU A 70 -0.06 5.23 3.74
C LEU A 70 -1.15 6.20 4.19
N GLN A 71 -0.86 7.49 4.04
CA GLN A 71 -1.77 8.54 4.47
C GLN A 71 -3.14 8.37 3.84
N GLN A 72 -3.17 7.87 2.60
CA GLN A 72 -4.40 7.59 1.91
C GLN A 72 -5.17 6.48 2.60
N LEU A 73 -4.46 5.41 2.91
CA LEU A 73 -5.03 4.24 3.56
C LEU A 73 -5.47 4.58 4.98
N ARG A 74 -4.61 5.30 5.69
CA ARG A 74 -4.88 5.75 7.04
C ARG A 74 -6.16 6.57 7.08
N ASP A 75 -6.42 7.31 6.01
CA ASP A 75 -7.63 8.11 5.88
C ASP A 75 -8.86 7.22 5.67
N MET A 76 -8.65 6.09 5.02
CA MET A 76 -9.73 5.16 4.72
C MET A 76 -10.07 4.31 5.93
N GLY A 77 -9.17 4.31 6.90
CA GLY A 77 -9.37 3.51 8.09
C GLY A 77 -8.64 2.20 8.03
N ILE A 78 -7.60 2.15 7.21
CA ILE A 78 -6.80 0.93 7.05
C ILE A 78 -5.72 0.89 8.12
N GLN A 79 -5.62 -0.24 8.81
CA GLN A 79 -4.61 -0.41 9.84
C GLN A 79 -3.49 -1.32 9.34
N ASP A 80 -3.73 -1.96 8.20
CA ASP A 80 -2.76 -2.85 7.59
C ASP A 80 -1.78 -2.04 6.73
N ASP A 81 -1.27 -0.96 7.30
CA ASP A 81 -0.30 -0.09 6.64
C ASP A 81 0.94 -0.87 6.25
N GLU A 82 1.44 -1.68 7.16
CA GLU A 82 2.67 -2.43 6.93
C GLU A 82 2.45 -3.42 5.80
N LEU A 83 1.27 -4.03 5.79
CA LEU A 83 0.82 -4.86 4.68
C LEU A 83 0.93 -4.07 3.38
N SER A 84 0.28 -2.93 3.33
CA SER A 84 0.19 -2.16 2.09
C SER A 84 1.55 -1.61 1.70
N LEU A 85 2.35 -1.20 2.68
CA LEU A 85 3.71 -0.71 2.45
C LEU A 85 4.47 -1.69 1.55
N ARG A 86 4.22 -2.96 1.76
CA ARG A 86 4.91 -4.02 1.03
C ARG A 86 4.42 -4.08 -0.41
N ALA A 87 3.11 -3.87 -0.59
CA ALA A 87 2.52 -3.80 -1.91
C ALA A 87 2.97 -2.52 -2.61
N LEU A 88 3.18 -1.48 -1.82
CA LEU A 88 3.72 -0.22 -2.31
C LEU A 88 5.12 -0.42 -2.86
N GLN A 89 5.98 -1.07 -2.08
CA GLN A 89 7.33 -1.41 -2.50
C GLN A 89 7.33 -2.16 -3.82
N ALA A 90 6.36 -3.06 -3.99
CA ALA A 90 6.26 -3.90 -5.17
C ALA A 90 5.77 -3.12 -6.39
N THR A 91 4.99 -2.06 -6.15
CA THR A 91 4.42 -1.28 -7.25
C THR A 91 5.28 -0.08 -7.58
N GLY A 92 6.13 0.30 -6.64
CA GLY A 92 6.95 1.48 -6.81
C GLY A 92 6.38 2.66 -6.05
N GLY A 93 5.13 2.52 -5.64
CA GLY A 93 4.45 3.59 -4.93
C GLY A 93 3.08 3.87 -5.51
N ASP A 94 2.35 2.81 -5.83
CA ASP A 94 1.03 2.93 -6.42
C ASP A 94 -0.01 2.32 -5.50
N ILE A 95 -0.88 3.17 -4.98
CA ILE A 95 -1.93 2.76 -4.06
C ILE A 95 -2.93 1.85 -4.74
N GLN A 96 -3.46 2.30 -5.87
CA GLN A 96 -4.47 1.55 -6.59
C GLN A 96 -3.97 0.17 -7.01
N ALA A 97 -2.71 0.08 -7.39
CA ALA A 97 -2.11 -1.20 -7.76
C ALA A 97 -1.83 -2.06 -6.53
N ALA A 98 -1.57 -1.41 -5.40
CA ALA A 98 -1.33 -2.11 -4.15
C ALA A 98 -2.58 -2.84 -3.71
N LEU A 99 -3.73 -2.17 -3.77
CA LEU A 99 -5.02 -2.79 -3.43
C LEU A 99 -5.33 -3.99 -4.34
N GLU A 100 -4.52 -4.19 -5.35
CA GLU A 100 -4.67 -5.33 -6.24
C GLU A 100 -3.77 -6.44 -5.72
N LEU A 101 -2.52 -6.07 -5.50
CA LEU A 101 -1.52 -6.95 -4.91
C LEU A 101 -2.01 -7.51 -3.57
N ILE A 102 -2.51 -6.62 -2.73
CA ILE A 102 -3.04 -7.00 -1.43
C ILE A 102 -4.20 -7.98 -1.57
N PHE A 103 -5.14 -7.62 -2.42
CA PHE A 103 -6.34 -8.41 -2.60
C PHE A 103 -6.05 -9.78 -3.23
N ALA A 104 -5.37 -9.80 -4.37
CA ALA A 104 -5.19 -11.05 -5.11
C ALA A 104 -3.87 -11.10 -5.88
N GLY A 105 -3.36 -9.94 -6.28
CA GLY A 105 -2.16 -9.88 -7.08
C GLY A 105 -0.97 -10.56 -6.43
N GLY A 106 -0.91 -10.48 -5.11
CA GLY A 106 0.18 -11.08 -4.37
C GLY A 106 1.48 -10.33 -4.57
N ALA A 107 2.26 -10.78 -5.53
CA ALA A 107 3.55 -10.17 -5.85
C ALA A 107 3.77 -10.14 -7.35
N PRO A 108 4.44 -9.10 -7.86
CA PRO A 108 4.76 -8.97 -9.28
C PRO A 108 5.89 -9.92 -9.68
N GLY A 63 9.80 9.99 7.34
CA GLY A 63 8.66 9.07 7.56
C GLY A 63 8.91 7.71 6.96
N SER A 64 8.90 7.65 5.64
CA SER A 64 9.12 6.40 4.91
C SER A 64 9.22 6.72 3.42
N GLN A 65 9.09 5.72 2.57
CA GLN A 65 9.16 5.95 1.14
C GLN A 65 7.77 6.24 0.63
N TRP A 66 6.80 5.43 1.08
CA TRP A 66 5.41 5.64 0.70
C TRP A 66 4.53 5.77 1.93
N GLN A 67 5.06 6.38 2.98
CA GLN A 67 4.26 6.63 4.16
C GLN A 67 3.05 7.52 3.82
N PRO A 68 3.24 8.58 3.00
CA PRO A 68 2.12 9.33 2.43
C PRO A 68 1.11 8.42 1.72
N GLN A 69 1.56 7.30 1.18
CA GLN A 69 0.66 6.37 0.51
C GLN A 69 -0.09 5.55 1.55
N LEU A 70 0.60 5.19 2.63
CA LEU A 70 -0.05 4.55 3.77
C LEU A 70 -1.19 5.43 4.23
N GLN A 71 -0.89 6.72 4.35
CA GLN A 71 -1.85 7.70 4.83
C GLN A 71 -3.13 7.74 3.99
N GLN A 72 -3.06 7.29 2.74
CA GLN A 72 -4.24 7.23 1.91
C GLN A 72 -5.17 6.14 2.43
N LEU A 73 -4.59 4.97 2.68
CA LEU A 73 -5.37 3.85 3.17
C LEU A 73 -5.73 4.07 4.65
N ARG A 74 -4.82 4.70 5.37
CA ARG A 74 -5.05 5.04 6.77
C ARG A 74 -6.13 6.11 6.89
N ASP A 75 -6.29 6.89 5.82
CA ASP A 75 -7.37 7.87 5.74
C ASP A 75 -8.69 7.15 5.51
N MET A 76 -8.65 6.11 4.68
CA MET A 76 -9.83 5.29 4.43
C MET A 76 -10.25 4.58 5.71
N GLY A 77 -9.27 4.16 6.49
CA GLY A 77 -9.54 3.44 7.73
C GLY A 77 -8.77 2.14 7.81
N ILE A 78 -7.87 1.93 6.85
CA ILE A 78 -7.07 0.74 6.78
C ILE A 78 -5.92 0.81 7.79
N GLN A 79 -5.91 -0.11 8.73
CA GLN A 79 -4.90 -0.14 9.78
C GLN A 79 -3.65 -0.90 9.34
N ASP A 80 -3.77 -1.62 8.23
CA ASP A 80 -2.67 -2.43 7.72
C ASP A 80 -1.70 -1.56 6.92
N ASP A 81 -1.04 -0.64 7.60
CA ASP A 81 -0.12 0.29 6.96
C ASP A 81 1.20 -0.40 6.60
N GLU A 82 1.70 -1.26 7.50
CA GLU A 82 2.93 -1.99 7.24
C GLU A 82 2.72 -2.92 6.05
N LEU A 83 1.51 -3.43 5.95
CA LEU A 83 1.07 -4.21 4.80
C LEU A 83 1.17 -3.35 3.54
N SER A 84 0.53 -2.19 3.60
CA SER A 84 0.42 -1.30 2.45
C SER A 84 1.78 -0.92 1.90
N LEU A 85 2.70 -0.52 2.77
CA LEU A 85 4.04 -0.10 2.34
C LEU A 85 4.68 -1.14 1.43
N ARG A 86 4.42 -2.40 1.73
CA ARG A 86 5.03 -3.50 0.99
C ARG A 86 4.34 -3.69 -0.36
N ALA A 87 3.03 -3.55 -0.38
CA ALA A 87 2.28 -3.56 -1.61
C ALA A 87 2.69 -2.37 -2.48
N LEU A 88 3.00 -1.27 -1.80
CA LEU A 88 3.52 -0.08 -2.44
C LEU A 88 4.90 -0.34 -3.05
N GLN A 89 5.77 -0.98 -2.26
CA GLN A 89 7.11 -1.34 -2.71
C GLN A 89 7.04 -2.18 -3.98
N ALA A 90 6.18 -3.19 -3.96
CA ALA A 90 6.03 -4.12 -5.07
C ALA A 90 5.56 -3.39 -6.33
N THR A 91 4.71 -2.39 -6.15
CA THR A 91 4.14 -1.67 -7.27
C THR A 91 5.00 -0.48 -7.67
N GLY A 92 5.94 -0.12 -6.81
CA GLY A 92 6.80 1.01 -7.08
C GLY A 92 6.18 2.32 -6.66
N GLY A 93 5.25 2.25 -5.71
CA GLY A 93 4.57 3.44 -5.24
C GLY A 93 3.32 3.74 -6.04
N ASP A 94 2.39 2.79 -6.10
CA ASP A 94 1.12 2.99 -6.77
C ASP A 94 -0.01 2.46 -5.90
N ILE A 95 -0.82 3.38 -5.37
CA ILE A 95 -1.91 3.03 -4.47
C ILE A 95 -2.92 2.12 -5.12
N GLN A 96 -3.46 2.55 -6.25
CA GLN A 96 -4.48 1.78 -6.95
C GLN A 96 -4.02 0.36 -7.23
N ALA A 97 -2.76 0.20 -7.63
CA ALA A 97 -2.19 -1.11 -7.87
C ALA A 97 -1.93 -1.85 -6.56
N ALA A 98 -1.57 -1.10 -5.53
CA ALA A 98 -1.29 -1.67 -4.22
C ALA A 98 -2.48 -2.42 -3.67
N LEU A 99 -3.68 -1.82 -3.76
CA LEU A 99 -4.91 -2.44 -3.30
C LEU A 99 -5.13 -3.81 -3.94
N GLU A 100 -4.51 -4.03 -5.09
CA GLU A 100 -4.66 -5.28 -5.82
C GLU A 100 -3.66 -6.30 -5.30
N LEU A 101 -2.45 -5.81 -5.06
CA LEU A 101 -1.41 -6.60 -4.41
C LEU A 101 -1.89 -7.01 -3.02
N ILE A 102 -2.55 -6.08 -2.35
CA ILE A 102 -3.07 -6.31 -1.01
C ILE A 102 -4.20 -7.33 -1.04
N PHE A 103 -5.20 -7.06 -1.86
CA PHE A 103 -6.40 -7.89 -1.94
C PHE A 103 -6.08 -9.29 -2.47
N ALA A 104 -4.94 -9.43 -3.16
CA ALA A 104 -4.53 -10.73 -3.66
C ALA A 104 -3.61 -11.41 -2.65
N GLY A 105 -2.80 -10.61 -1.97
CA GLY A 105 -1.92 -11.13 -0.95
C GLY A 105 -0.50 -11.29 -1.44
N GLY A 106 -0.32 -11.13 -2.74
CA GLY A 106 0.98 -11.26 -3.34
C GLY A 106 0.94 -10.97 -4.82
N ALA A 107 2.10 -10.79 -5.42
CA ALA A 107 2.21 -10.50 -6.85
C ALA A 107 1.82 -11.72 -7.68
N PRO A 108 0.82 -11.56 -8.56
CA PRO A 108 0.37 -12.63 -9.46
C PRO A 108 1.47 -13.09 -10.41
N GLY A 63 10.63 9.76 8.52
CA GLY A 63 9.58 9.61 7.48
C GLY A 63 10.04 8.76 6.33
N SER A 64 9.09 8.10 5.67
CA SER A 64 9.41 7.24 4.56
C SER A 64 8.80 7.79 3.28
N GLN A 65 8.96 7.07 2.17
CA GLN A 65 8.48 7.56 0.89
C GLN A 65 7.02 7.23 0.72
N TRP A 66 6.63 6.06 1.21
CA TRP A 66 5.32 5.50 0.92
C TRP A 66 4.33 5.72 2.05
N GLN A 67 4.76 6.32 3.13
CA GLN A 67 3.86 6.63 4.23
C GLN A 67 2.82 7.68 3.83
N PRO A 68 3.18 8.72 3.05
CA PRO A 68 2.17 9.61 2.45
C PRO A 68 1.14 8.81 1.65
N GLN A 69 1.61 7.77 0.97
CA GLN A 69 0.74 6.84 0.26
C GLN A 69 -0.11 6.07 1.26
N LEU A 70 0.55 5.53 2.29
CA LEU A 70 -0.16 4.83 3.37
C LEU A 70 -1.27 5.70 3.91
N GLN A 71 -1.00 7.00 4.00
CA GLN A 71 -1.96 7.95 4.54
C GLN A 71 -3.26 7.94 3.76
N GLN A 72 -3.20 7.63 2.48
CA GLN A 72 -4.36 7.53 1.65
C GLN A 72 -5.26 6.40 2.14
N LEU A 73 -4.63 5.31 2.57
CA LEU A 73 -5.35 4.15 3.07
C LEU A 73 -5.65 4.32 4.55
N ARG A 74 -4.74 4.99 5.26
CA ARG A 74 -4.95 5.33 6.65
C ARG A 74 -6.16 6.23 6.81
N ASP A 75 -6.37 7.07 5.79
CA ASP A 75 -7.56 7.91 5.69
C ASP A 75 -8.81 7.06 5.52
N MET A 76 -8.69 6.01 4.70
CA MET A 76 -9.79 5.08 4.47
C MET A 76 -10.10 4.29 5.74
N GLY A 77 -9.09 4.11 6.57
CA GLY A 77 -9.26 3.39 7.82
C GLY A 77 -8.42 2.13 7.88
N ILE A 78 -7.51 1.98 6.91
CA ILE A 78 -6.63 0.83 6.86
C ILE A 78 -5.60 0.88 7.98
N GLN A 79 -5.58 -0.18 8.78
CA GLN A 79 -4.63 -0.31 9.88
C GLN A 79 -3.42 -1.12 9.43
N ASP A 80 -3.58 -1.84 8.34
CA ASP A 80 -2.54 -2.70 7.82
C ASP A 80 -1.51 -1.91 7.00
N ASP A 81 -0.78 -1.04 7.68
CA ASP A 81 0.22 -0.20 7.03
C ASP A 81 1.48 -1.01 6.74
N GLU A 82 1.78 -1.95 7.63
CA GLU A 82 2.90 -2.87 7.47
C GLU A 82 2.65 -3.80 6.29
N LEU A 83 1.40 -3.83 5.89
CA LEU A 83 0.96 -4.58 4.72
C LEU A 83 1.06 -3.70 3.48
N SER A 84 0.46 -2.52 3.56
CA SER A 84 0.39 -1.62 2.42
C SER A 84 1.79 -1.18 1.97
N LEU A 85 2.68 -0.92 2.93
CA LEU A 85 4.05 -0.52 2.62
C LEU A 85 4.72 -1.56 1.72
N ARG A 86 4.34 -2.83 1.88
CA ARG A 86 4.91 -3.91 1.08
C ARG A 86 4.37 -3.81 -0.35
N ALA A 87 3.04 -3.73 -0.44
CA ALA A 87 2.36 -3.62 -1.72
C ALA A 87 2.82 -2.39 -2.48
N LEU A 88 3.09 -1.33 -1.74
CA LEU A 88 3.60 -0.09 -2.30
C LEU A 88 4.92 -0.30 -3.03
N GLN A 89 5.91 -0.81 -2.30
CA GLN A 89 7.22 -1.08 -2.86
C GLN A 89 7.13 -1.96 -4.11
N ALA A 90 6.32 -3.01 -4.04
CA ALA A 90 6.22 -3.98 -5.11
C ALA A 90 5.51 -3.40 -6.35
N THR A 91 4.79 -2.30 -6.16
CA THR A 91 4.09 -1.66 -7.27
C THR A 91 4.80 -0.39 -7.71
N GLY A 92 5.97 -0.13 -7.12
CA GLY A 92 6.73 1.06 -7.46
C GLY A 92 6.13 2.31 -6.86
N GLY A 93 5.38 2.15 -5.79
CA GLY A 93 4.79 3.30 -5.11
C GLY A 93 3.46 3.71 -5.72
N ASP A 94 2.54 2.75 -5.85
CA ASP A 94 1.22 3.04 -6.38
C ASP A 94 0.17 2.47 -5.45
N ILE A 95 -0.76 3.32 -5.05
CA ILE A 95 -1.78 2.95 -4.10
C ILE A 95 -2.84 2.05 -4.70
N GLN A 96 -3.41 2.47 -5.80
CA GLN A 96 -4.50 1.72 -6.40
C GLN A 96 -4.02 0.35 -6.89
N ALA A 97 -2.78 0.28 -7.36
CA ALA A 97 -2.18 -0.99 -7.73
C ALA A 97 -1.87 -1.82 -6.49
N ALA A 98 -1.57 -1.14 -5.38
CA ALA A 98 -1.32 -1.81 -4.13
C ALA A 98 -2.55 -2.57 -3.66
N LEU A 99 -3.72 -1.93 -3.75
CA LEU A 99 -5.00 -2.56 -3.38
C LEU A 99 -5.22 -3.88 -4.14
N GLU A 100 -4.54 -4.02 -5.26
CA GLU A 100 -4.67 -5.22 -6.09
C GLU A 100 -3.82 -6.29 -5.50
N LEU A 101 -2.57 -5.92 -5.23
CA LEU A 101 -1.62 -6.81 -4.61
C LEU A 101 -2.11 -7.22 -3.23
N ILE A 102 -2.59 -6.25 -2.48
CA ILE A 102 -3.08 -6.47 -1.14
C ILE A 102 -4.20 -7.50 -1.13
N PHE A 103 -5.22 -7.22 -1.92
CA PHE A 103 -6.41 -8.06 -1.96
C PHE A 103 -6.15 -9.41 -2.64
N ALA A 104 -5.57 -9.41 -3.84
CA ALA A 104 -5.53 -10.64 -4.63
C ALA A 104 -4.13 -10.97 -5.15
N GLY A 105 -3.22 -10.02 -5.09
CA GLY A 105 -1.88 -10.26 -5.60
C GLY A 105 -1.01 -11.00 -4.61
N GLY A 106 -1.35 -10.91 -3.34
CA GLY A 106 -0.54 -11.50 -2.30
C GLY A 106 0.78 -10.77 -2.14
N ALA A 107 1.86 -11.44 -2.50
CA ALA A 107 3.19 -10.84 -2.43
C ALA A 107 4.11 -11.49 -3.45
N PRO A 108 4.86 -10.67 -4.21
CA PRO A 108 5.84 -11.16 -5.17
C PRO A 108 7.03 -11.81 -4.50
N GLY A 63 9.37 14.02 2.47
CA GLY A 63 9.14 12.97 3.50
C GLY A 63 9.66 11.63 3.05
N SER A 64 8.89 10.58 3.30
CA SER A 64 9.23 9.25 2.85
C SER A 64 8.64 8.98 1.46
N GLN A 65 8.73 7.76 0.99
CA GLN A 65 8.25 7.43 -0.34
C GLN A 65 6.81 6.92 -0.27
N TRP A 66 6.59 5.95 0.60
CA TRP A 66 5.32 5.27 0.66
C TRP A 66 4.51 5.65 1.88
N GLN A 67 5.11 6.37 2.82
CA GLN A 67 4.38 6.78 4.02
C GLN A 67 3.27 7.78 3.68
N PRO A 68 3.52 8.80 2.82
CA PRO A 68 2.44 9.70 2.37
C PRO A 68 1.36 8.93 1.64
N GLN A 69 1.73 7.76 1.13
CA GLN A 69 0.79 6.87 0.49
C GLN A 69 0.00 6.10 1.54
N LEU A 70 0.67 5.65 2.59
CA LEU A 70 0.00 5.04 3.74
C LEU A 70 -1.11 5.97 4.22
N GLN A 71 -0.80 7.26 4.20
CA GLN A 71 -1.74 8.28 4.65
C GLN A 71 -3.07 8.19 3.89
N GLN A 72 -3.01 7.84 2.61
CA GLN A 72 -4.19 7.66 1.81
C GLN A 72 -5.03 6.50 2.34
N LEU A 73 -4.35 5.41 2.63
CA LEU A 73 -4.97 4.20 3.13
C LEU A 73 -5.49 4.40 4.55
N ARG A 74 -4.66 5.03 5.37
CA ARG A 74 -5.02 5.35 6.75
C ARG A 74 -6.21 6.31 6.79
N ASP A 75 -6.42 7.02 5.69
CA ASP A 75 -7.56 7.91 5.54
C ASP A 75 -8.80 7.12 5.15
N MET A 76 -8.59 5.97 4.51
CA MET A 76 -9.70 5.11 4.09
C MET A 76 -10.14 4.21 5.23
N GLY A 77 -9.31 4.09 6.25
CA GLY A 77 -9.62 3.23 7.38
C GLY A 77 -8.87 1.91 7.30
N ILE A 78 -7.74 1.92 6.61
CA ILE A 78 -6.93 0.71 6.48
C ILE A 78 -5.92 0.63 7.62
N GLN A 79 -6.04 -0.41 8.44
CA GLN A 79 -5.16 -0.58 9.59
C GLN A 79 -3.82 -1.17 9.18
N ASP A 80 -3.85 -2.14 8.28
CA ASP A 80 -2.64 -2.81 7.84
C ASP A 80 -1.91 -2.00 6.78
N ASP A 81 -1.41 -0.84 7.20
CA ASP A 81 -0.66 0.05 6.32
C ASP A 81 0.74 -0.51 6.09
N GLU A 82 1.27 -1.18 7.10
CA GLU A 82 2.58 -1.80 7.01
C GLU A 82 2.54 -2.95 6.00
N LEU A 83 1.40 -3.63 5.95
CA LEU A 83 1.11 -4.57 4.90
C LEU A 83 1.17 -3.87 3.54
N SER A 84 0.46 -2.76 3.43
CA SER A 84 0.34 -2.07 2.16
C SER A 84 1.66 -1.42 1.76
N LEU A 85 2.48 -1.07 2.73
CA LEU A 85 3.84 -0.56 2.47
C LEU A 85 4.57 -1.55 1.54
N ARG A 86 4.26 -2.82 1.72
CA ARG A 86 4.89 -3.88 0.95
C ARG A 86 4.28 -3.93 -0.45
N ALA A 87 2.99 -3.65 -0.53
CA ALA A 87 2.30 -3.58 -1.81
C ALA A 87 2.73 -2.34 -2.58
N LEU A 88 2.97 -1.28 -1.83
CA LEU A 88 3.52 -0.04 -2.35
C LEU A 88 4.88 -0.31 -2.97
N GLN A 89 5.74 -0.97 -2.21
CA GLN A 89 7.04 -1.39 -2.67
C GLN A 89 6.92 -2.20 -3.96
N ALA A 90 5.96 -3.11 -3.99
CA ALA A 90 5.74 -3.98 -5.14
C ALA A 90 5.30 -3.20 -6.38
N THR A 91 4.45 -2.19 -6.19
CA THR A 91 3.93 -1.42 -7.30
C THR A 91 4.89 -0.29 -7.67
N GLY A 92 5.77 0.05 -6.74
CA GLY A 92 6.70 1.13 -6.96
C GLY A 92 6.26 2.41 -6.28
N GLY A 93 5.05 2.39 -5.73
CA GLY A 93 4.52 3.56 -5.07
C GLY A 93 3.14 3.94 -5.56
N ASP A 94 2.35 2.93 -5.91
CA ASP A 94 1.00 3.14 -6.40
C ASP A 94 0.00 2.56 -5.41
N ILE A 95 -0.93 3.40 -4.99
CA ILE A 95 -1.91 3.04 -3.98
C ILE A 95 -2.97 2.11 -4.54
N GLN A 96 -3.58 2.52 -5.63
CA GLN A 96 -4.73 1.79 -6.18
C GLN A 96 -4.27 0.49 -6.84
N ALA A 97 -2.98 0.37 -7.11
CA ALA A 97 -2.41 -0.88 -7.59
C ALA A 97 -1.98 -1.75 -6.42
N ALA A 98 -1.74 -1.13 -5.27
CA ALA A 98 -1.34 -1.86 -4.07
C ALA A 98 -2.47 -2.76 -3.59
N LEU A 99 -3.70 -2.27 -3.66
CA LEU A 99 -4.88 -3.04 -3.29
C LEU A 99 -5.00 -4.33 -4.10
N GLU A 100 -4.22 -4.42 -5.17
CA GLU A 100 -4.25 -5.56 -6.06
C GLU A 100 -3.19 -6.56 -5.63
N LEU A 101 -2.09 -6.04 -5.11
CA LEU A 101 -1.04 -6.88 -4.56
C LEU A 101 -1.49 -7.43 -3.22
N ILE A 102 -2.21 -6.61 -2.46
CA ILE A 102 -2.71 -7.02 -1.15
C ILE A 102 -3.70 -8.16 -1.30
N PHE A 103 -4.62 -7.99 -2.25
CA PHE A 103 -5.62 -9.03 -2.53
C PHE A 103 -4.97 -10.31 -3.05
N ALA A 104 -3.79 -10.17 -3.66
CA ALA A 104 -3.08 -11.32 -4.20
C ALA A 104 -2.27 -11.99 -3.10
N GLY A 105 -2.02 -11.21 -2.05
CA GLY A 105 -1.32 -11.68 -0.89
C GLY A 105 0.16 -11.79 -1.11
N GLY A 106 0.72 -10.85 -1.85
CA GLY A 106 2.13 -10.91 -2.16
C GLY A 106 2.79 -9.55 -2.30
N ALA A 107 3.95 -9.53 -2.95
CA ALA A 107 4.78 -8.33 -3.10
C ALA A 107 6.11 -8.73 -3.73
N PRO A 108 6.19 -8.73 -5.07
CA PRO A 108 7.41 -9.11 -5.81
C PRO A 108 8.52 -8.07 -5.63
#